data_5OXD
#
_entry.id   5OXD
#
_cell.length_a   117.794
_cell.length_b   117.794
_cell.length_c   147.233
_cell.angle_alpha   90.00
_cell.angle_beta   90.00
_cell.angle_gamma   120.00
#
_symmetry.space_group_name_H-M   'P 61'
#
loop_
_entity.id
_entity.type
_entity.pdbx_description
1 polymer 'O-GlcNAcase NagJ'
2 non-polymer 'CADMIUM ION'
3 non-polymer 5-(trifluoromethyl)-2,3-dihydro-1~{H}-1,4-diazepine
4 water water
#
_entity_poly.entity_id   1
_entity_poly.type   'polypeptide(L)'
_entity_poly.pdbx_seq_one_letter_code
;GSVGPKTGEENQVLVPNLNPTPENLEVVGDGFKITSSINLVGEEEADENAVNALREFLTANNIEINSENDPNSTTLIIGE
VDDDIPELDEALNGTTAENLKEEGYALVSNDGKIAIEGKDGDGTFYGVQTFKQLVKESNIPEVNITDYPTVSARGIVEGF
YGTPWTHQDRLDQIKFYGENKLNTYIYAPKDDPYHREKWREPYPESEMQRMQELINASAENKVDFVFGISPGIDIRFDGD
AGEEDFNHLITKAESLYDMGVRSFAIYWDDIQDKSAAKHAQVLNRFNEEFVKAKGDVKPLITVPTEYDTGAMVSNGQPRA
YTRIFAETVDPSIEVMWTGPGVVTNEIPLSDAQLISGIYDRNMAVWWNYPVTDYFKGKLALGPMHGLDKGLNQYVDFFTV
NPMEHAELSKISIHTAADYSWNMDNYDYDKAWNRAIDMLYGDLAEDMKVFANHSTRMDNKTWAKSGREDAPELRAKMDEL
WNKLSSKEDASALIEELYGEFARMEEACNNLKANLPEVALEECSRQLDELITLAQGDKASLDMIVAQLNEDTEAYESAKE
IAQNKLNTALSSFAVISEKVAQSFIQEALS
;
_entity_poly.pdbx_strand_id   A
#
loop_
_chem_comp.id
_chem_comp.type
_chem_comp.name
_chem_comp.formula
B2W non-polymer 5-(trifluoromethyl)-2,3-dihydro-1~{H}-1,4-diazepine 'C6 H7 F3 N2'
CD non-polymer 'CADMIUM ION' 'Cd 2'
#
# COMPACT_ATOMS: atom_id res chain seq x y z
N ASN A 11 -35.09 10.63 4.66
CA ASN A 11 -34.08 11.47 5.36
C ASN A 11 -32.73 11.56 4.57
N GLN A 12 -31.70 12.15 5.21
CA GLN A 12 -30.39 12.43 4.58
C GLN A 12 -29.62 11.11 4.21
N VAL A 13 -28.76 11.17 3.19
CA VAL A 13 -27.85 10.07 2.82
C VAL A 13 -26.42 10.55 3.04
N LEU A 14 -25.71 9.85 3.93
CA LEU A 14 -24.42 10.27 4.39
C LEU A 14 -23.40 9.80 3.38
N VAL A 15 -22.30 10.53 3.31
CA VAL A 15 -21.15 10.17 2.47
C VAL A 15 -20.42 9.02 3.14
N PRO A 16 -20.28 7.86 2.47
CA PRO A 16 -19.57 6.77 3.11
C PRO A 16 -18.09 7.03 3.18
N ASN A 17 -17.36 6.14 3.82
CA ASN A 17 -15.90 6.22 3.75
C ASN A 17 -15.49 6.13 2.29
N LEU A 18 -14.52 6.96 1.94
CA LEU A 18 -13.86 6.91 0.65
C LEU A 18 -12.35 6.77 0.85
N ASN A 19 -11.70 6.05 -0.05
CA ASN A 19 -10.26 5.93 -0.09
C ASN A 19 -9.75 5.90 -1.55
N PRO A 20 -8.78 6.73 -1.94
CA PRO A 20 -8.25 7.86 -1.15
C PRO A 20 -9.31 8.95 -0.89
N THR A 21 -8.95 9.89 -0.02
CA THR A 21 -9.85 11.04 0.27
C THR A 21 -9.75 12.03 -0.91
N PRO A 22 -10.91 12.37 -1.48
CA PRO A 22 -10.85 13.17 -2.68
C PRO A 22 -10.36 14.56 -2.41
N GLU A 23 -9.72 15.20 -3.36
CA GLU A 23 -9.23 16.54 -3.10
C GLU A 23 -10.38 17.45 -2.60
N ASN A 24 -11.42 17.66 -3.41
CA ASN A 24 -12.54 18.54 -3.02
C ASN A 24 -13.84 17.73 -3.14
N LEU A 25 -14.65 17.72 -2.07
CA LEU A 25 -15.99 17.12 -2.06
C LEU A 25 -16.96 18.01 -1.32
N GLU A 26 -18.00 18.55 -1.98
CA GLU A 26 -19.03 19.37 -1.32
C GLU A 26 -20.29 18.56 -1.41
N VAL A 27 -21.07 18.49 -0.34
CA VAL A 27 -22.42 17.89 -0.38
C VAL A 27 -23.43 18.91 -0.90
N VAL A 28 -24.31 18.49 -1.81
CA VAL A 28 -25.24 19.46 -2.42
C VAL A 28 -26.70 19.11 -2.33
N GLY A 29 -27.03 17.94 -1.77
CA GLY A 29 -28.43 17.52 -1.64
C GLY A 29 -28.54 16.47 -0.53
N ASP A 30 -29.71 15.88 -0.39
CA ASP A 30 -29.89 14.89 0.65
C ASP A 30 -29.47 13.52 0.19
N GLY A 31 -29.59 13.23 -1.10
CA GLY A 31 -29.30 11.91 -1.63
C GLY A 31 -30.49 11.42 -2.40
N PHE A 32 -30.37 10.32 -3.12
CA PHE A 32 -31.49 9.67 -3.76
C PHE A 32 -31.20 8.22 -4.03
N LYS A 33 -32.25 7.46 -4.28
CA LYS A 33 -32.14 6.03 -4.58
C LYS A 33 -32.00 5.82 -6.09
N ILE A 34 -30.96 5.12 -6.49
CA ILE A 34 -30.79 4.77 -7.87
C ILE A 34 -31.85 3.73 -8.19
N THR A 35 -32.51 3.94 -9.31
CA THR A 35 -33.64 3.12 -9.66
C THR A 35 -33.18 1.72 -10.05
N SER A 36 -34.10 0.74 -10.00
CA SER A 36 -34.01 -0.64 -10.60
C SER A 36 -33.12 -0.83 -11.82
N SER A 37 -33.16 0.15 -12.70
CA SER A 37 -32.30 0.18 -13.88
C SER A 37 -32.07 1.63 -14.35
N ILE A 38 -31.10 1.84 -15.24
CA ILE A 38 -30.63 3.20 -15.52
C ILE A 38 -30.41 3.48 -16.98
N ASN A 39 -30.34 4.76 -17.31
CA ASN A 39 -29.97 5.19 -18.65
C ASN A 39 -28.50 5.49 -18.55
N LEU A 40 -27.73 4.85 -19.41
CA LEU A 40 -26.31 5.02 -19.38
C LEU A 40 -26.03 5.86 -20.62
N VAL A 41 -25.22 6.92 -20.50
CA VAL A 41 -24.97 7.85 -21.61
C VAL A 41 -23.47 8.12 -21.74
N GLY A 42 -22.94 7.96 -22.94
CA GLY A 42 -21.55 8.20 -23.17
C GLY A 42 -20.77 6.92 -23.19
N GLU A 43 -21.40 5.74 -23.01
CA GLU A 43 -20.66 4.45 -22.94
C GLU A 43 -19.82 4.13 -24.21
N GLU A 44 -20.27 4.67 -25.33
CA GLU A 44 -19.62 4.43 -26.59
C GLU A 44 -18.41 5.34 -26.82
N GLU A 45 -18.28 6.45 -26.11
CA GLU A 45 -17.17 7.39 -26.32
C GLU A 45 -16.15 7.30 -25.19
N ALA A 46 -16.61 6.91 -24.01
CA ALA A 46 -15.82 6.93 -22.77
C ALA A 46 -14.86 5.77 -22.74
N ASP A 47 -13.84 5.89 -21.89
CA ASP A 47 -12.83 4.87 -21.68
C ASP A 47 -13.43 3.47 -21.54
N GLU A 48 -12.92 2.53 -22.32
CA GLU A 48 -13.45 1.16 -22.38
C GLU A 48 -13.35 0.48 -21.00
N ASN A 49 -12.22 0.68 -20.31
CA ASN A 49 -12.00 0.07 -18.98
C ASN A 49 -12.84 0.64 -17.87
N ALA A 50 -13.05 1.95 -17.90
CA ALA A 50 -13.99 2.62 -16.99
C ALA A 50 -15.41 2.09 -17.14
N VAL A 51 -15.81 1.92 -18.39
CA VAL A 51 -17.17 1.47 -18.68
C VAL A 51 -17.34 -0.01 -18.27
N ASN A 52 -16.30 -0.83 -18.43
CA ASN A 52 -16.42 -2.24 -18.00
C ASN A 52 -16.46 -2.39 -16.48
N ALA A 53 -15.69 -1.58 -15.77
CA ALA A 53 -15.77 -1.51 -14.30
C ALA A 53 -17.16 -1.14 -13.87
N LEU A 54 -17.73 -0.13 -14.54
CA LEU A 54 -19.08 0.32 -14.26
C LEU A 54 -20.10 -0.78 -14.47
N ARG A 55 -20.10 -1.38 -15.67
CA ARG A 55 -20.96 -2.53 -16.00
C ARG A 55 -20.89 -3.65 -14.97
N GLU A 56 -19.68 -4.02 -14.54
CA GLU A 56 -19.52 -5.11 -13.54
C GLU A 56 -20.18 -4.72 -12.27
N PHE A 57 -19.99 -3.48 -11.85
CA PHE A 57 -20.58 -3.04 -10.58
C PHE A 57 -22.09 -3.05 -10.64
N LEU A 58 -22.63 -2.46 -11.71
CA LEU A 58 -24.07 -2.44 -11.91
C LEU A 58 -24.66 -3.86 -11.91
N THR A 59 -24.03 -4.81 -12.61
CA THR A 59 -24.46 -6.22 -12.58
C THR A 59 -24.41 -6.77 -11.17
N ALA A 60 -23.26 -6.64 -10.52
CA ALA A 60 -23.12 -7.21 -9.20
C ALA A 60 -24.16 -6.68 -8.23
N ASN A 61 -24.68 -5.48 -8.50
CA ASN A 61 -25.75 -4.89 -7.66
C ASN A 61 -27.17 -4.93 -8.27
N ASN A 62 -27.42 -5.86 -9.21
CA ASN A 62 -28.74 -6.02 -9.88
C ASN A 62 -29.37 -4.79 -10.54
N ILE A 63 -28.54 -3.89 -11.00
CA ILE A 63 -29.00 -2.68 -11.63
C ILE A 63 -28.81 -2.99 -13.13
N GLU A 64 -29.94 -3.03 -13.84
CA GLU A 64 -29.95 -3.27 -15.28
C GLU A 64 -29.70 -1.96 -16.00
N ILE A 65 -29.35 -2.05 -17.28
CA ILE A 65 -29.23 -0.87 -18.15
C ILE A 65 -30.40 -0.81 -19.15
N ASN A 66 -31.19 0.26 -19.13
CA ASN A 66 -32.20 0.47 -20.18
C ASN A 66 -31.47 0.58 -21.52
N SER A 67 -32.06 -0.03 -22.55
CA SER A 67 -31.68 0.21 -23.96
C SER A 67 -32.49 1.39 -24.55
N GLU A 68 -33.72 1.55 -24.10
CA GLU A 68 -34.56 2.68 -24.48
C GLU A 68 -34.56 3.72 -23.34
N ASN A 69 -34.14 4.95 -23.62
CA ASN A 69 -34.13 6.00 -22.59
C ASN A 69 -35.47 6.02 -21.85
N ASP A 70 -35.46 6.09 -20.53
CA ASP A 70 -36.69 6.11 -19.73
C ASP A 70 -36.55 7.26 -18.73
N PRO A 71 -37.39 8.33 -18.87
CA PRO A 71 -37.15 9.49 -18.00
C PRO A 71 -37.52 9.24 -16.52
N ASN A 72 -38.20 8.14 -16.23
CA ASN A 72 -38.38 7.67 -14.86
C ASN A 72 -37.12 7.06 -14.21
N SER A 73 -36.11 6.74 -15.01
CA SER A 73 -34.95 6.01 -14.55
C SER A 73 -33.75 6.95 -14.27
N THR A 74 -32.93 6.61 -13.26
CA THR A 74 -31.66 7.31 -13.00
C THR A 74 -30.77 7.28 -14.25
N THR A 75 -30.07 8.39 -14.47
CA THR A 75 -29.27 8.56 -15.65
C THR A 75 -27.80 8.75 -15.25
N LEU A 76 -26.94 8.03 -15.95
CA LEU A 76 -25.56 8.01 -15.63
C LEU A 76 -24.81 8.44 -16.87
N ILE A 77 -24.06 9.54 -16.79
CA ILE A 77 -23.35 10.07 -17.97
C ILE A 77 -21.88 10.06 -17.64
N ILE A 78 -21.08 9.46 -18.51
CA ILE A 78 -19.66 9.20 -18.30
C ILE A 78 -18.91 9.58 -19.56
N GLY A 79 -17.77 10.26 -19.45
CA GLY A 79 -16.88 10.48 -20.61
C GLY A 79 -15.64 11.21 -20.20
N GLU A 80 -14.78 11.51 -21.15
CA GLU A 80 -13.58 12.33 -20.87
C GLU A 80 -13.88 13.76 -21.29
N VAL A 81 -13.02 14.68 -20.89
CA VAL A 81 -13.05 16.04 -21.38
C VAL A 81 -13.04 16.12 -22.94
N ASP A 82 -12.10 15.37 -23.53
CA ASP A 82 -11.86 15.39 -24.96
C ASP A 82 -12.92 14.60 -25.76
N ASP A 83 -14.01 14.17 -25.11
CA ASP A 83 -15.20 13.72 -25.82
C ASP A 83 -16.17 14.83 -25.93
N ASP A 84 -16.93 14.82 -27.01
CA ASP A 84 -17.94 15.83 -27.20
C ASP A 84 -19.34 15.35 -26.80
N ILE A 85 -19.61 15.34 -25.50
CA ILE A 85 -20.86 14.81 -24.95
C ILE A 85 -21.51 15.99 -24.27
N PRO A 86 -22.40 16.70 -25.00
CA PRO A 86 -23.02 17.90 -24.40
C PRO A 86 -23.81 17.60 -23.14
N GLU A 87 -24.46 16.43 -23.05
CA GLU A 87 -25.36 16.16 -21.89
C GLU A 87 -24.58 15.86 -20.57
N LEU A 88 -23.30 15.57 -20.73
CA LEU A 88 -22.36 15.44 -19.62
C LEU A 88 -22.04 16.81 -19.03
N ASP A 89 -21.69 17.76 -19.88
CA ASP A 89 -21.50 19.14 -19.41
C ASP A 89 -22.78 19.72 -18.76
N GLU A 90 -23.95 19.39 -19.33
CA GLU A 90 -25.22 19.82 -18.76
C GLU A 90 -25.38 19.34 -17.31
N ALA A 91 -25.33 18.03 -17.09
CA ALA A 91 -25.41 17.45 -15.73
C ALA A 91 -24.28 17.80 -14.74
N LEU A 92 -23.07 18.09 -15.25
CA LEU A 92 -22.00 18.60 -14.39
C LEU A 92 -22.32 19.98 -13.82
N ASN A 93 -23.17 20.74 -14.52
CA ASN A 93 -23.74 21.98 -14.01
C ASN A 93 -22.68 22.87 -13.33
N GLY A 94 -21.60 23.16 -14.05
CA GLY A 94 -20.58 24.05 -13.57
C GLY A 94 -19.29 23.33 -13.29
N THR A 95 -19.35 22.15 -12.69
CA THR A 95 -18.14 21.38 -12.39
C THR A 95 -17.42 20.89 -13.69
N THR A 96 -16.11 20.86 -13.64
CA THR A 96 -15.35 20.41 -14.80
C THR A 96 -13.98 19.82 -14.40
N ALA A 97 -13.57 18.84 -15.19
CA ALA A 97 -12.29 18.23 -15.06
C ALA A 97 -11.30 18.82 -16.01
N GLU A 98 -11.74 19.69 -16.92
CA GLU A 98 -10.87 20.31 -17.94
C GLU A 98 -9.51 20.87 -17.41
N ASN A 99 -9.53 21.43 -16.22
CA ASN A 99 -8.41 22.18 -15.72
C ASN A 99 -7.58 21.38 -14.70
N LEU A 100 -7.83 20.07 -14.54
CA LEU A 100 -7.17 19.25 -13.49
C LEU A 100 -5.93 18.64 -14.07
N LYS A 101 -5.04 18.09 -13.23
CA LYS A 101 -3.91 17.34 -13.80
C LYS A 101 -4.35 15.98 -14.38
N GLU A 102 -3.40 15.31 -15.03
CA GLU A 102 -3.59 13.95 -15.53
C GLU A 102 -4.10 13.05 -14.38
N GLU A 103 -5.09 12.19 -14.71
CA GLU A 103 -5.74 11.21 -13.79
C GLU A 103 -6.82 11.83 -12.95
N GLY A 104 -6.98 13.15 -13.00
CA GLY A 104 -8.08 13.77 -12.33
C GLY A 104 -9.44 13.48 -12.96
N TYR A 105 -10.51 13.85 -12.26
CA TYR A 105 -11.88 13.67 -12.74
C TYR A 105 -12.82 14.57 -11.93
N ALA A 106 -14.07 14.62 -12.40
CA ALA A 106 -15.14 15.35 -11.74
C ALA A 106 -16.30 14.42 -11.65
N LEU A 107 -17.00 14.46 -10.54
CA LEU A 107 -18.15 13.59 -10.34
C LEU A 107 -19.19 14.48 -9.73
N VAL A 108 -20.41 14.43 -10.27
CA VAL A 108 -21.52 15.19 -9.72
C VAL A 108 -22.64 14.21 -9.64
N SER A 109 -23.29 14.12 -8.49
CA SER A 109 -24.51 13.33 -8.35
C SER A 109 -25.55 14.28 -7.75
N ASN A 110 -26.70 14.38 -8.43
CA ASN A 110 -27.69 15.45 -8.12
C ASN A 110 -28.99 15.29 -8.91
N ASP A 111 -30.10 15.60 -8.27
CA ASP A 111 -31.45 15.36 -8.78
C ASP A 111 -31.51 14.27 -9.85
N GLY A 112 -31.30 13.02 -9.42
CA GLY A 112 -31.47 11.84 -10.28
C GLY A 112 -30.49 11.56 -11.42
N LYS A 113 -29.37 12.29 -11.49
CA LYS A 113 -28.30 12.06 -12.48
C LYS A 113 -26.95 11.81 -11.77
N ILE A 114 -26.12 10.94 -12.31
CA ILE A 114 -24.71 10.88 -11.91
C ILE A 114 -23.87 11.19 -13.16
N ALA A 115 -22.89 12.05 -13.00
CA ALA A 115 -22.04 12.44 -14.10
C ALA A 115 -20.58 12.29 -13.72
N ILE A 116 -19.81 11.69 -14.62
CA ILE A 116 -18.41 11.42 -14.37
C ILE A 116 -17.64 11.88 -15.61
N GLU A 117 -16.73 12.83 -15.42
CA GLU A 117 -15.94 13.35 -16.50
C GLU A 117 -14.51 13.25 -16.08
N GLY A 118 -13.74 12.39 -16.76
CA GLY A 118 -12.31 12.29 -16.50
C GLY A 118 -11.54 13.30 -17.33
N LYS A 119 -10.48 13.86 -16.76
CA LYS A 119 -9.52 14.63 -17.54
C LYS A 119 -8.98 13.74 -18.66
N ASP A 120 -8.69 12.50 -18.33
CA ASP A 120 -8.31 11.46 -19.30
C ASP A 120 -9.02 10.16 -18.89
N GLY A 121 -8.78 9.06 -19.61
CA GLY A 121 -9.47 7.78 -19.33
C GLY A 121 -9.11 7.15 -17.99
N ASP A 122 -7.86 7.28 -17.59
CA ASP A 122 -7.47 6.93 -16.24
C ASP A 122 -8.38 7.62 -15.24
N GLY A 123 -8.49 8.93 -15.39
CA GLY A 123 -9.40 9.75 -14.60
C GLY A 123 -10.82 9.22 -14.58
N THR A 124 -11.33 8.86 -15.75
CA THR A 124 -12.70 8.41 -15.86
C THR A 124 -12.88 7.13 -15.07
N PHE A 125 -11.89 6.23 -15.23
CA PHE A 125 -11.86 4.95 -14.52
C PHE A 125 -11.86 5.20 -13.03
N TYR A 126 -11.06 6.17 -12.58
CA TYR A 126 -11.00 6.57 -11.18
C TYR A 126 -12.29 7.23 -10.67
N GLY A 127 -12.97 7.99 -11.50
CA GLY A 127 -14.31 8.45 -11.16
C GLY A 127 -15.27 7.29 -10.90
N VAL A 128 -15.16 6.23 -11.67
CA VAL A 128 -16.03 5.09 -11.45
C VAL A 128 -15.69 4.45 -10.09
N GLN A 129 -14.41 4.46 -9.72
CA GLN A 129 -14.04 3.84 -8.46
C GLN A 129 -14.64 4.60 -7.28
N THR A 130 -14.61 5.93 -7.33
CA THR A 130 -15.35 6.76 -6.36
C THR A 130 -16.84 6.46 -6.35
N PHE A 131 -17.45 6.47 -7.53
CA PHE A 131 -18.86 6.12 -7.67
C PHE A 131 -19.16 4.83 -6.96
N LYS A 132 -18.31 3.83 -7.14
CA LYS A 132 -18.53 2.53 -6.47
C LYS A 132 -18.51 2.60 -4.96
N GLN A 133 -17.66 3.47 -4.42
CA GLN A 133 -17.53 3.64 -2.99
C GLN A 133 -18.67 4.40 -2.39
N LEU A 134 -19.29 5.32 -3.16
CA LEU A 134 -20.38 6.21 -2.69
C LEU A 134 -21.74 5.53 -2.49
N VAL A 135 -21.95 4.47 -3.25
CA VAL A 135 -23.25 3.82 -3.33
C VAL A 135 -23.38 2.71 -2.29
N LYS A 136 -24.46 2.74 -1.50
CA LYS A 136 -24.77 1.75 -0.45
C LYS A 136 -26.24 1.43 -0.50
N GLU A 137 -26.57 0.14 -0.68
CA GLU A 137 -27.96 -0.34 -0.75
C GLU A 137 -28.77 0.53 -1.74
N SER A 138 -28.16 0.81 -2.88
CA SER A 138 -28.73 1.64 -3.96
C SER A 138 -28.86 3.16 -3.75
N ASN A 139 -28.34 3.66 -2.64
CA ASN A 139 -28.46 5.03 -2.25
C ASN A 139 -27.15 5.74 -2.48
N ILE A 140 -27.22 6.95 -3.03
CA ILE A 140 -26.01 7.74 -3.25
C ILE A 140 -26.22 9.13 -2.68
N PRO A 141 -25.19 9.71 -2.01
CA PRO A 141 -25.35 11.08 -1.62
C PRO A 141 -25.25 11.99 -2.83
N GLU A 142 -25.95 13.12 -2.75
CA GLU A 142 -25.84 14.17 -3.75
C GLU A 142 -24.55 14.95 -3.41
N VAL A 143 -23.49 14.78 -4.21
CA VAL A 143 -22.23 15.46 -3.93
C VAL A 143 -21.63 16.01 -5.20
N ASN A 144 -20.51 16.73 -5.02
CA ASN A 144 -19.84 17.47 -6.08
C ASN A 144 -18.34 17.30 -5.87
N ILE A 145 -17.68 16.52 -6.72
CA ILE A 145 -16.28 16.20 -6.52
C ILE A 145 -15.40 16.61 -7.71
N THR A 146 -14.24 17.15 -7.42
CA THR A 146 -13.17 17.24 -8.39
C THR A 146 -11.98 16.75 -7.63
N ASP A 147 -11.14 15.96 -8.28
CA ASP A 147 -10.23 15.07 -7.55
C ASP A 147 -9.04 14.77 -8.42
N TYR A 148 -7.86 14.68 -7.82
CA TYR A 148 -6.68 14.37 -8.62
C TYR A 148 -5.55 13.99 -7.63
N PRO A 149 -4.48 13.32 -8.11
CA PRO A 149 -3.45 12.85 -7.21
C PRO A 149 -2.32 13.80 -6.94
N THR A 150 -1.79 13.71 -5.74
CA THR A 150 -0.58 14.43 -5.42
C THR A 150 0.56 13.87 -6.18
N VAL A 151 0.81 12.57 -6.10
CA VAL A 151 1.99 11.95 -6.66
C VAL A 151 1.51 11.21 -7.87
N SER A 152 2.33 11.07 -8.91
CA SER A 152 1.74 10.58 -10.16
C SER A 152 2.01 9.07 -10.53
N ALA A 153 3.06 8.49 -9.98
CA ALA A 153 3.18 7.04 -9.96
C ALA A 153 2.93 6.62 -8.51
N ARG A 154 2.02 5.68 -8.29
CA ARG A 154 1.64 5.26 -6.93
C ARG A 154 1.37 3.78 -6.98
N GLY A 155 2.13 2.98 -6.25
CA GLY A 155 1.88 1.54 -6.27
C GLY A 155 2.75 0.67 -5.42
N ILE A 156 3.02 -0.52 -5.94
CA ILE A 156 3.68 -1.60 -5.22
C ILE A 156 4.86 -2.11 -6.02
N VAL A 157 5.93 -2.44 -5.32
CA VAL A 157 6.96 -3.27 -5.91
C VAL A 157 6.86 -4.62 -5.22
N GLU A 158 6.80 -5.72 -5.98
CA GLU A 158 6.88 -7.10 -5.41
C GLU A 158 8.33 -7.54 -5.19
N GLY A 159 8.91 -7.03 -4.11
CA GLY A 159 10.34 -7.00 -3.97
C GLY A 159 10.86 -7.76 -2.78
N PHE A 160 9.98 -8.14 -1.88
CA PHE A 160 10.30 -9.03 -0.75
C PHE A 160 10.85 -10.41 -1.08
N TYR A 161 11.46 -11.03 -0.08
CA TYR A 161 11.83 -12.44 -0.10
C TYR A 161 10.83 -13.27 0.70
N GLY A 162 10.88 -14.55 0.42
CA GLY A 162 10.04 -15.51 1.09
C GLY A 162 9.06 -16.07 0.11
N THR A 163 8.01 -16.66 0.62
CA THR A 163 7.02 -17.30 -0.20
C THR A 163 6.35 -16.27 -1.16
N PRO A 164 6.73 -16.32 -2.45
CA PRO A 164 6.17 -15.36 -3.39
C PRO A 164 4.64 -15.47 -3.46
N TRP A 165 4.03 -14.38 -3.88
CA TRP A 165 2.62 -14.35 -4.11
C TRP A 165 2.25 -15.36 -5.19
N THR A 166 1.08 -15.98 -5.03
CA THR A 166 0.55 -16.80 -6.10
C THR A 166 0.00 -15.93 -7.22
N HIS A 167 -0.26 -16.56 -8.35
CA HIS A 167 -0.93 -15.93 -9.49
C HIS A 167 -2.29 -15.35 -9.07
N GLN A 168 -3.07 -16.12 -8.32
CA GLN A 168 -4.36 -15.68 -7.89
C GLN A 168 -4.17 -14.47 -6.91
N ASP A 169 -3.11 -14.45 -6.10
CA ASP A 169 -2.85 -13.27 -5.25
C ASP A 169 -2.63 -12.00 -6.04
N ARG A 170 -1.87 -12.12 -7.11
CA ARG A 170 -1.54 -11.00 -7.95
C ARG A 170 -2.73 -10.41 -8.70
N LEU A 171 -3.56 -11.28 -9.27
CA LEU A 171 -4.77 -10.83 -9.90
C LEU A 171 -5.66 -10.16 -8.87
N ASP A 172 -5.71 -10.72 -7.67
CA ASP A 172 -6.49 -10.04 -6.63
C ASP A 172 -5.91 -8.65 -6.28
N GLN A 173 -4.60 -8.53 -6.09
CA GLN A 173 -3.97 -7.27 -5.77
C GLN A 173 -4.20 -6.21 -6.85
N ILE A 174 -4.02 -6.58 -8.11
CA ILE A 174 -4.15 -5.64 -9.21
C ILE A 174 -5.57 -5.00 -9.23
N LYS A 175 -6.60 -5.78 -8.97
CA LYS A 175 -7.97 -5.26 -8.96
C LYS A 175 -8.13 -4.31 -7.76
N PHE A 176 -7.48 -4.70 -6.68
CA PHE A 176 -7.41 -3.90 -5.46
C PHE A 176 -6.71 -2.56 -5.69
N TYR A 177 -5.60 -2.58 -6.43
CA TYR A 177 -4.85 -1.35 -6.72
C TYR A 177 -5.75 -0.42 -7.52
N GLY A 178 -6.41 -0.95 -8.53
CA GLY A 178 -7.35 -0.16 -9.30
C GLY A 178 -8.44 0.46 -8.48
N GLU A 179 -8.97 -0.27 -7.50
CA GLU A 179 -10.08 0.21 -6.65
C GLU A 179 -9.65 1.36 -5.71
N ASN A 180 -8.35 1.46 -5.41
CA ASN A 180 -7.82 2.48 -4.50
C ASN A 180 -6.86 3.39 -5.27
N LYS A 181 -7.06 3.50 -6.58
CA LYS A 181 -6.39 4.46 -7.44
C LYS A 181 -4.85 4.37 -7.45
N LEU A 182 -4.32 3.22 -7.11
CA LEU A 182 -2.91 2.93 -7.31
C LEU A 182 -2.68 2.49 -8.79
N ASN A 183 -1.61 2.97 -9.39
CA ASN A 183 -1.46 2.85 -10.87
C ASN A 183 -0.13 2.29 -11.32
N THR A 184 0.59 1.64 -10.41
CA THR A 184 1.90 1.11 -10.69
C THR A 184 2.07 -0.21 -9.95
N TYR A 185 2.59 -1.21 -10.63
CA TYR A 185 2.88 -2.53 -10.05
C TYR A 185 4.20 -2.98 -10.63
N ILE A 186 5.27 -2.97 -9.82
CA ILE A 186 6.58 -3.45 -10.29
C ILE A 186 6.70 -4.96 -10.02
N TYR A 187 6.66 -5.73 -11.09
CA TYR A 187 6.72 -7.18 -11.07
C TYR A 187 8.16 -7.54 -11.15
N ALA A 188 8.77 -7.75 -9.99
CA ALA A 188 10.15 -8.27 -9.84
C ALA A 188 10.23 -9.38 -8.77
N PRO A 189 9.48 -10.47 -8.95
CA PRO A 189 9.50 -11.54 -7.94
C PRO A 189 10.80 -12.41 -7.95
N LYS A 190 11.26 -12.81 -6.79
CA LYS A 190 12.53 -13.53 -6.69
C LYS A 190 12.34 -15.04 -7.01
N ASP A 191 11.18 -15.64 -6.75
CA ASP A 191 10.76 -16.92 -7.38
C ASP A 191 11.09 -16.91 -8.89
N ASP A 192 10.71 -15.85 -9.64
CA ASP A 192 10.70 -15.93 -11.13
C ASP A 192 12.09 -15.96 -11.71
N PRO A 193 12.53 -17.12 -12.24
CA PRO A 193 13.86 -17.14 -12.84
C PRO A 193 14.06 -16.07 -13.96
N TYR A 194 13.06 -15.87 -14.81
CA TYR A 194 13.19 -14.91 -15.94
C TYR A 194 13.38 -13.44 -15.55
N HIS A 195 13.38 -13.17 -14.27
CA HIS A 195 13.68 -11.88 -13.70
C HIS A 195 15.17 -11.67 -13.40
N ARG A 196 15.91 -12.72 -13.00
CA ARG A 196 17.32 -12.58 -12.55
C ARG A 196 18.24 -13.70 -13.08
N GLU A 197 18.33 -14.86 -12.41
CA GLU A 197 19.03 -15.99 -13.05
C GLU A 197 18.28 -16.10 -14.35
N LYS A 198 18.82 -16.63 -15.42
CA LYS A 198 18.07 -16.53 -16.73
C LYS A 198 17.51 -15.14 -17.20
N TRP A 199 18.19 -14.01 -16.89
CA TRP A 199 17.59 -12.68 -17.14
C TRP A 199 17.54 -12.34 -18.57
N ARG A 200 18.50 -12.82 -19.35
CA ARG A 200 18.42 -12.85 -20.85
C ARG A 200 17.25 -13.78 -21.06
N GLU A 201 16.89 -14.17 -22.27
CA GLU A 201 15.99 -15.39 -22.35
C GLU A 201 14.51 -14.97 -22.14
N PRO A 202 13.74 -14.96 -23.25
CA PRO A 202 12.34 -14.64 -23.11
C PRO A 202 11.58 -15.68 -22.28
N TYR A 203 10.39 -15.31 -21.88
CA TYR A 203 9.50 -16.29 -21.30
C TYR A 203 9.24 -17.45 -22.29
N PRO A 204 9.24 -18.71 -21.81
CA PRO A 204 9.13 -19.93 -22.58
C PRO A 204 8.04 -20.00 -23.60
N GLU A 205 6.79 -20.03 -23.16
CA GLU A 205 5.66 -20.56 -23.99
C GLU A 205 4.75 -21.19 -23.03
N SER A 206 5.29 -22.03 -22.16
CA SER A 206 4.56 -22.49 -20.98
C SER A 206 4.33 -21.36 -19.97
N GLU A 207 5.14 -20.30 -19.98
CA GLU A 207 4.93 -19.21 -19.05
C GLU A 207 4.14 -17.99 -19.62
N MET A 208 3.88 -18.01 -20.93
CA MET A 208 3.27 -16.86 -21.59
C MET A 208 1.82 -16.57 -21.23
N GLN A 209 1.06 -17.59 -20.93
CA GLN A 209 -0.34 -17.40 -20.71
C GLN A 209 -0.52 -16.78 -19.32
N ARG A 210 0.34 -17.15 -18.38
CA ARG A 210 0.36 -16.56 -17.05
C ARG A 210 0.75 -15.10 -17.08
N MET A 211 1.85 -14.79 -17.75
CA MET A 211 2.32 -13.41 -17.81
C MET A 211 1.31 -12.56 -18.54
N GLN A 212 0.72 -13.13 -19.59
CA GLN A 212 -0.27 -12.39 -20.37
C GLN A 212 -1.44 -11.98 -19.48
N GLU A 213 -1.91 -12.88 -18.61
CA GLU A 213 -3.00 -12.57 -17.71
C GLU A 213 -2.65 -11.43 -16.71
N LEU A 214 -1.38 -11.37 -16.28
CA LEU A 214 -0.92 -10.30 -15.36
C LEU A 214 -0.93 -8.96 -16.04
N ILE A 215 -0.46 -8.99 -17.29
CA ILE A 215 -0.33 -7.84 -18.13
C ILE A 215 -1.68 -7.24 -18.50
N ASN A 216 -2.61 -8.11 -18.88
CA ASN A 216 -3.93 -7.67 -19.30
C ASN A 216 -4.75 -7.20 -18.12
N ALA A 217 -4.69 -7.91 -17.00
CA ALA A 217 -5.39 -7.45 -15.79
C ALA A 217 -4.95 -6.05 -15.37
N SER A 218 -3.64 -5.81 -15.47
CA SER A 218 -3.08 -4.51 -15.12
C SER A 218 -3.72 -3.40 -15.96
N ALA A 219 -3.58 -3.50 -17.28
CA ALA A 219 -4.19 -2.55 -18.22
C ALA A 219 -5.69 -2.29 -18.00
N GLU A 220 -6.45 -3.36 -17.78
CA GLU A 220 -7.88 -3.31 -17.49
C GLU A 220 -8.24 -2.51 -16.24
N ASN A 221 -7.32 -2.44 -15.28
CA ASN A 221 -7.45 -1.65 -14.06
C ASN A 221 -6.52 -0.45 -13.98
N LYS A 222 -6.04 -0.02 -15.13
CA LYS A 222 -5.21 1.19 -15.22
C LYS A 222 -3.95 1.12 -14.40
N VAL A 223 -3.30 -0.04 -14.39
CA VAL A 223 -2.08 -0.28 -13.65
C VAL A 223 -0.96 -0.45 -14.66
N ASP A 224 0.11 0.30 -14.41
CA ASP A 224 1.33 0.19 -15.18
C ASP A 224 1.98 -1.09 -14.64
N PHE A 225 2.08 -2.09 -15.49
CA PHE A 225 2.81 -3.29 -15.19
C PHE A 225 4.22 -2.97 -15.61
N VAL A 226 5.07 -2.71 -14.63
CA VAL A 226 6.51 -2.53 -14.84
C VAL A 226 7.20 -3.88 -14.71
N PHE A 227 7.86 -4.32 -15.79
CA PHE A 227 8.64 -5.53 -15.69
C PHE A 227 10.02 -5.21 -15.17
N GLY A 228 10.35 -5.77 -14.01
CA GLY A 228 11.61 -5.55 -13.34
C GLY A 228 12.61 -6.60 -13.76
N ILE A 229 13.81 -6.14 -14.11
CA ILE A 229 14.91 -7.01 -14.54
C ILE A 229 16.18 -6.67 -13.73
N SER A 230 16.97 -7.70 -13.45
CA SER A 230 18.06 -7.60 -12.48
C SER A 230 19.25 -8.38 -13.02
N PRO A 231 20.03 -7.76 -13.90
CA PRO A 231 21.06 -8.50 -14.58
C PRO A 231 22.41 -8.49 -13.81
N GLY A 232 22.50 -7.80 -12.65
CA GLY A 232 23.66 -7.87 -11.76
C GLY A 232 24.25 -9.27 -11.46
N ILE A 233 23.42 -10.30 -11.45
CA ILE A 233 23.92 -11.66 -11.24
C ILE A 233 25.15 -11.98 -12.08
N ASP A 234 25.18 -11.58 -13.34
CA ASP A 234 26.21 -12.07 -14.23
C ASP A 234 26.42 -11.28 -15.55
N ILE A 235 25.94 -10.04 -15.59
CA ILE A 235 26.05 -9.25 -16.80
C ILE A 235 27.50 -8.83 -17.06
N ARG A 236 27.92 -8.89 -18.32
CA ARG A 236 29.22 -8.39 -18.76
C ARG A 236 29.06 -7.04 -19.48
N PHE A 237 29.90 -6.09 -19.10
CA PHE A 237 29.90 -4.76 -19.69
C PHE A 237 30.92 -4.55 -20.82
N ASP A 238 32.02 -5.30 -20.88
CA ASP A 238 33.14 -4.90 -21.76
C ASP A 238 33.20 -5.62 -23.11
N GLY A 239 33.60 -4.90 -24.16
CA GLY A 239 33.83 -5.47 -25.49
C GLY A 239 32.68 -6.28 -26.05
N ASP A 240 32.98 -7.32 -26.81
CA ASP A 240 31.94 -8.23 -27.36
C ASP A 240 30.96 -8.81 -26.36
N ALA A 241 31.40 -8.99 -25.12
CA ALA A 241 30.54 -9.53 -24.10
C ALA A 241 29.54 -8.48 -23.69
N GLY A 242 30.03 -7.26 -23.44
CA GLY A 242 29.19 -6.06 -23.23
C GLY A 242 28.12 -5.88 -24.29
N GLU A 243 28.54 -5.96 -25.56
CA GLU A 243 27.64 -5.93 -26.69
C GLU A 243 26.63 -7.03 -26.71
N GLU A 244 27.09 -8.26 -26.55
CA GLU A 244 26.18 -9.38 -26.63
C GLU A 244 25.09 -9.32 -25.53
N ASP A 245 25.47 -8.83 -24.36
CA ASP A 245 24.61 -8.79 -23.20
C ASP A 245 23.65 -7.63 -23.31
N PHE A 246 24.08 -6.54 -23.92
CA PHE A 246 23.17 -5.46 -24.17
C PHE A 246 22.07 -5.87 -25.13
N ASN A 247 22.40 -6.60 -26.18
CA ASN A 247 21.39 -7.16 -27.07
C ASN A 247 20.52 -8.21 -26.42
N HIS A 248 21.04 -8.94 -25.44
CA HIS A 248 20.20 -9.91 -24.74
C HIS A 248 19.12 -9.09 -23.96
N LEU A 249 19.55 -7.98 -23.37
CA LEU A 249 18.66 -7.04 -22.67
C LEU A 249 17.54 -6.49 -23.56
N ILE A 250 17.92 -6.15 -24.78
CA ILE A 250 17.02 -5.59 -25.78
C ILE A 250 16.06 -6.68 -26.22
N THR A 251 16.60 -7.84 -26.58
CA THR A 251 15.78 -8.98 -26.98
C THR A 251 14.73 -9.32 -25.96
N LYS A 252 15.16 -9.33 -24.69
CA LYS A 252 14.29 -9.63 -23.60
C LYS A 252 13.16 -8.60 -23.50
N ALA A 253 13.51 -7.32 -23.60
CA ALA A 253 12.52 -6.28 -23.48
C ALA A 253 11.56 -6.30 -24.71
N GLU A 254 12.11 -6.54 -25.90
CA GLU A 254 11.29 -6.70 -27.11
C GLU A 254 10.24 -7.78 -26.80
N SER A 255 10.68 -8.91 -26.23
CA SER A 255 9.80 -10.06 -26.15
C SER A 255 8.67 -9.76 -25.16
N LEU A 256 8.94 -8.90 -24.18
CA LEU A 256 7.94 -8.42 -23.26
C LEU A 256 7.11 -7.29 -23.90
N TYR A 257 7.76 -6.39 -24.64
CA TYR A 257 7.04 -5.38 -25.42
C TYR A 257 5.94 -6.04 -26.25
N ASP A 258 6.27 -7.19 -26.84
CA ASP A 258 5.40 -7.89 -27.75
C ASP A 258 4.18 -8.48 -27.08
N MET A 259 4.25 -8.71 -25.76
CA MET A 259 3.11 -9.25 -25.02
C MET A 259 2.28 -8.14 -24.40
N GLY A 260 2.70 -6.89 -24.53
CA GLY A 260 1.99 -5.73 -23.98
C GLY A 260 2.72 -4.88 -22.95
N VAL A 261 3.89 -5.29 -22.49
CA VAL A 261 4.59 -4.51 -21.50
C VAL A 261 5.08 -3.16 -22.02
N ARG A 262 4.74 -2.09 -21.31
CA ARG A 262 5.19 -0.72 -21.66
C ARG A 262 5.87 0.03 -20.52
N SER A 263 6.41 -0.69 -19.53
CA SER A 263 7.20 -0.09 -18.43
C SER A 263 8.26 -1.12 -18.07
N PHE A 264 9.46 -0.63 -17.76
CA PHE A 264 10.61 -1.47 -17.46
C PHE A 264 11.43 -0.85 -16.35
N ALA A 265 11.96 -1.68 -15.44
CA ALA A 265 12.89 -1.21 -14.42
C ALA A 265 14.12 -2.07 -14.46
N ILE A 266 15.30 -1.46 -14.29
CA ILE A 266 16.58 -2.16 -14.25
C ILE A 266 17.28 -2.02 -12.89
N TYR A 267 17.54 -3.15 -12.22
CA TYR A 267 18.07 -3.17 -10.86
C TYR A 267 19.55 -3.44 -10.93
N TRP A 268 20.31 -2.62 -10.19
CA TRP A 268 21.73 -2.84 -9.93
C TRP A 268 22.09 -3.09 -8.44
N ASP A 269 21.12 -3.49 -7.61
CA ASP A 269 21.30 -3.62 -6.13
C ASP A 269 22.19 -4.79 -5.63
N ASP A 270 22.34 -5.84 -6.44
CA ASP A 270 23.17 -7.02 -6.12
C ASP A 270 24.00 -7.37 -7.35
N ILE A 271 25.29 -7.01 -7.30
CA ILE A 271 26.15 -7.13 -8.50
C ILE A 271 27.66 -7.21 -8.15
N GLN A 272 28.40 -8.04 -8.89
CA GLN A 272 29.86 -8.10 -8.81
C GLN A 272 30.54 -6.79 -9.31
N ASP A 273 30.59 -6.60 -10.64
CA ASP A 273 31.20 -5.37 -11.26
C ASP A 273 30.37 -4.10 -10.90
N LYS A 274 30.87 -3.35 -9.91
CA LYS A 274 30.10 -2.32 -9.22
C LYS A 274 30.48 -0.90 -9.65
N SER A 275 30.62 -0.67 -10.96
CA SER A 275 31.01 0.66 -11.46
C SER A 275 29.83 1.46 -12.03
N ALA A 276 29.44 2.48 -11.28
CA ALA A 276 28.46 3.47 -11.70
C ALA A 276 28.44 3.85 -13.17
N ALA A 277 29.60 4.12 -13.75
CA ALA A 277 29.63 4.63 -15.12
C ALA A 277 29.07 3.60 -16.10
N LYS A 278 29.35 2.33 -15.85
CA LYS A 278 28.89 1.22 -16.69
C LYS A 278 27.40 0.94 -16.51
N HIS A 279 26.91 1.04 -15.28
CA HIS A 279 25.48 0.85 -15.01
C HIS A 279 24.69 1.91 -15.74
N ALA A 280 25.10 3.16 -15.58
CA ALA A 280 24.46 4.28 -16.25
C ALA A 280 24.58 4.30 -17.77
N GLN A 281 25.66 3.82 -18.36
CA GLN A 281 25.71 3.65 -19.83
C GLN A 281 24.69 2.64 -20.36
N VAL A 282 24.48 1.51 -19.67
CA VAL A 282 23.49 0.52 -20.12
C VAL A 282 22.08 1.09 -20.03
N LEU A 283 21.80 1.82 -18.96
CA LEU A 283 20.56 2.59 -18.84
C LEU A 283 20.36 3.57 -20.01
N ASN A 284 21.31 4.49 -20.18
CA ASN A 284 21.21 5.54 -21.20
C ASN A 284 20.98 4.95 -22.59
N ARG A 285 21.71 3.91 -22.92
CA ARG A 285 21.54 3.27 -24.24
C ARG A 285 20.20 2.55 -24.41
N PHE A 286 19.77 1.83 -23.40
CA PHE A 286 18.47 1.19 -23.43
C PHE A 286 17.41 2.30 -23.59
N ASN A 287 17.61 3.39 -22.86
CA ASN A 287 16.67 4.50 -22.87
C ASN A 287 16.53 5.05 -24.29
N GLU A 288 17.64 5.26 -24.99
CA GLU A 288 17.63 5.68 -26.40
C GLU A 288 17.16 4.60 -27.37
N GLU A 289 17.85 3.47 -27.38
CA GLU A 289 17.60 2.46 -28.40
C GLU A 289 16.30 1.70 -28.24
N PHE A 290 15.72 1.69 -27.02
CA PHE A 290 14.46 1.02 -26.78
C PHE A 290 13.30 1.96 -26.35
N VAL A 291 13.45 2.61 -25.21
CA VAL A 291 12.34 3.34 -24.59
C VAL A 291 11.83 4.48 -25.48
N LYS A 292 12.77 5.30 -25.93
CA LYS A 292 12.47 6.41 -26.81
C LYS A 292 12.13 5.92 -28.19
N ALA A 293 12.81 4.89 -28.68
CA ALA A 293 12.57 4.46 -30.04
C ALA A 293 11.12 3.98 -30.21
N LYS A 294 10.58 3.39 -29.15
CA LYS A 294 9.27 2.78 -29.25
C LYS A 294 8.20 3.81 -29.19
N GLY A 295 8.48 4.85 -28.39
CA GLY A 295 7.64 6.00 -28.29
C GLY A 295 6.38 5.87 -27.49
N ASP A 296 5.98 4.67 -27.08
CA ASP A 296 4.85 4.47 -26.17
C ASP A 296 5.27 3.73 -24.89
N VAL A 297 6.56 3.75 -24.59
CA VAL A 297 7.09 3.15 -23.39
C VAL A 297 7.28 4.25 -22.34
N LYS A 298 6.93 3.96 -21.10
CA LYS A 298 6.98 4.92 -19.98
C LYS A 298 8.44 5.11 -19.56
N PRO A 299 8.74 6.09 -18.72
CA PRO A 299 10.16 6.31 -18.40
C PRO A 299 10.83 5.12 -17.74
N LEU A 300 12.04 4.84 -18.17
CA LEU A 300 12.81 3.77 -17.60
C LEU A 300 13.03 4.03 -16.12
N ILE A 301 13.02 2.96 -15.33
CA ILE A 301 13.20 3.01 -13.86
C ILE A 301 14.43 2.19 -13.50
N THR A 302 15.17 2.64 -12.50
CA THR A 302 16.34 1.92 -12.04
C THR A 302 16.50 2.04 -10.55
N VAL A 303 17.09 1.01 -9.95
CA VAL A 303 17.58 1.13 -8.57
C VAL A 303 19.08 0.92 -8.63
N PRO A 304 19.84 1.91 -8.16
CA PRO A 304 21.28 1.88 -8.23
C PRO A 304 21.88 1.10 -7.08
N THR A 305 23.12 0.66 -7.26
CA THR A 305 23.81 -0.13 -6.24
C THR A 305 23.85 0.49 -4.86
N GLU A 306 23.91 1.81 -4.78
CA GLU A 306 23.71 2.50 -3.51
C GLU A 306 22.35 3.14 -3.58
N TYR A 307 21.43 2.66 -2.73
CA TYR A 307 20.00 3.07 -2.79
C TYR A 307 19.37 3.52 -1.45
N ASP A 308 20.17 3.70 -0.40
CA ASP A 308 19.72 4.37 0.84
C ASP A 308 20.71 5.46 1.16
N THR A 309 20.29 6.49 1.88
CA THR A 309 21.13 7.65 2.18
C THR A 309 22.46 7.24 2.87
N GLY A 310 22.34 6.38 3.89
CA GLY A 310 23.45 5.64 4.51
C GLY A 310 24.55 5.26 3.55
N ALA A 311 24.22 4.46 2.53
CA ALA A 311 25.19 3.96 1.54
C ALA A 311 25.51 4.92 0.39
N MET A 312 24.80 6.04 0.30
CA MET A 312 24.89 6.95 -0.84
C MET A 312 25.69 8.19 -0.50
N VAL A 313 25.62 8.62 0.75
CA VAL A 313 26.18 9.89 1.16
C VAL A 313 27.21 9.63 2.26
N SER A 314 28.09 10.62 2.46
CA SER A 314 29.09 10.67 3.57
C SER A 314 29.47 12.11 3.92
N ASN A 315 29.06 12.56 5.11
CA ASN A 315 29.26 13.96 5.57
C ASN A 315 28.63 14.95 4.57
N GLY A 316 27.36 14.72 4.22
CA GLY A 316 26.64 15.56 3.25
C GLY A 316 27.08 15.50 1.79
N GLN A 317 28.09 14.68 1.48
CA GLN A 317 28.70 14.62 0.15
C GLN A 317 28.50 13.22 -0.45
N PRO A 318 27.94 13.12 -1.68
CA PRO A 318 27.77 11.79 -2.27
C PRO A 318 29.04 10.98 -2.30
N ARG A 319 28.94 9.68 -2.07
CA ARG A 319 30.06 8.74 -2.33
C ARG A 319 30.39 8.70 -3.83
N ALA A 320 31.43 7.94 -4.18
CA ALA A 320 31.89 7.83 -5.57
C ALA A 320 30.80 7.33 -6.51
N TYR A 321 30.25 6.16 -6.14
CA TYR A 321 29.22 5.50 -6.94
C TYR A 321 28.11 6.46 -7.32
N THR A 322 27.51 7.04 -6.27
CA THR A 322 26.35 7.85 -6.41
C THR A 322 26.68 9.06 -7.24
N ARG A 323 27.76 9.76 -6.86
CA ARG A 323 28.20 10.94 -7.59
C ARG A 323 28.34 10.66 -9.09
N ILE A 324 29.01 9.57 -9.45
CA ILE A 324 29.20 9.21 -10.89
C ILE A 324 27.88 8.81 -11.53
N PHE A 325 27.19 7.86 -10.90
CA PHE A 325 25.87 7.40 -11.38
C PHE A 325 24.97 8.61 -11.62
N ALA A 326 24.91 9.53 -10.65
CA ALA A 326 24.09 10.75 -10.73
C ALA A 326 24.43 11.73 -11.85
N GLU A 327 25.72 11.89 -12.17
CA GLU A 327 26.09 12.73 -13.30
C GLU A 327 25.64 11.99 -14.53
N THR A 328 26.26 10.85 -14.79
CA THR A 328 26.04 10.07 -16.01
C THR A 328 24.57 9.73 -16.41
N VAL A 329 23.71 9.39 -15.44
CA VAL A 329 22.38 8.84 -15.76
C VAL A 329 21.46 9.93 -16.34
N ASP A 330 20.95 9.67 -17.54
CA ASP A 330 20.00 10.55 -18.23
C ASP A 330 19.00 11.14 -17.26
N PRO A 331 18.62 12.40 -17.44
CA PRO A 331 17.64 12.90 -16.45
C PRO A 331 16.17 12.47 -16.71
N SER A 332 15.85 11.76 -17.79
CA SER A 332 14.46 11.27 -17.92
C SER A 332 14.22 10.01 -17.13
N ILE A 333 15.30 9.38 -16.66
CA ILE A 333 15.24 8.11 -15.92
C ILE A 333 14.84 8.28 -14.46
N GLU A 334 14.00 7.37 -13.99
CA GLU A 334 13.44 7.48 -12.66
C GLU A 334 14.39 6.73 -11.72
N VAL A 335 14.70 7.30 -10.58
CA VAL A 335 15.73 6.70 -9.72
C VAL A 335 15.16 6.40 -8.33
N MET A 336 15.23 5.14 -7.91
CA MET A 336 14.61 4.71 -6.63
C MET A 336 15.62 4.73 -5.48
N TRP A 337 15.12 5.17 -4.33
CA TRP A 337 15.88 5.12 -3.11
C TRP A 337 14.93 4.90 -1.95
N THR A 338 15.42 4.28 -0.87
CA THR A 338 14.55 3.74 0.17
C THR A 338 14.32 4.62 1.38
N GLY A 339 14.94 5.80 1.36
CA GLY A 339 15.05 6.69 2.54
C GLY A 339 16.45 6.69 3.19
N PRO A 340 16.57 7.30 4.39
CA PRO A 340 17.76 7.35 5.26
C PRO A 340 18.49 6.03 5.46
N GLY A 341 17.72 4.95 5.45
CA GLY A 341 18.25 3.59 5.45
C GLY A 341 17.35 2.66 4.65
N VAL A 342 17.66 1.37 4.73
CA VAL A 342 16.92 0.37 3.99
C VAL A 342 15.53 0.19 4.56
N VAL A 343 15.46 0.11 5.90
CA VAL A 343 14.20 0.13 6.66
C VAL A 343 14.42 1.12 7.80
N THR A 344 13.63 2.19 7.85
CA THR A 344 13.93 3.37 8.68
C THR A 344 12.59 3.97 9.14
N ASN A 345 12.59 4.63 10.30
CA ASN A 345 11.40 5.31 10.85
C ASN A 345 10.75 6.32 9.92
N GLU A 346 11.58 7.07 9.21
CA GLU A 346 11.17 8.32 8.60
C GLU A 346 11.83 8.52 7.24
N ILE A 347 11.15 9.25 6.35
CA ILE A 347 11.83 10.01 5.29
C ILE A 347 11.40 11.43 5.53
N PRO A 348 12.26 12.18 6.23
CA PRO A 348 11.95 13.56 6.47
C PRO A 348 12.34 14.41 5.24
N LEU A 349 11.69 15.55 5.12
CA LEU A 349 11.88 16.43 3.97
C LEU A 349 13.37 16.65 3.63
N SER A 350 14.20 16.93 4.64
CA SER A 350 15.65 17.14 4.45
C SER A 350 16.39 15.99 3.73
N ASP A 351 16.00 14.75 4.02
CA ASP A 351 16.58 13.62 3.33
C ASP A 351 16.18 13.62 1.83
N ALA A 352 14.90 13.90 1.56
CA ALA A 352 14.41 13.91 0.18
C ALA A 352 15.13 14.97 -0.61
N GLN A 353 15.15 16.19 -0.05
CA GLN A 353 15.93 17.32 -0.60
C GLN A 353 17.38 16.97 -0.92
N LEU A 354 18.06 16.38 0.05
CA LEU A 354 19.45 16.03 -0.12
C LEU A 354 19.67 15.16 -1.39
N ILE A 355 18.84 14.14 -1.55
CA ILE A 355 19.07 13.10 -2.57
C ILE A 355 18.54 13.57 -3.94
N SER A 356 17.37 14.21 -3.88
CA SER A 356 16.81 14.90 -4.99
C SER A 356 17.81 15.87 -5.57
N GLY A 357 18.35 16.75 -4.73
CA GLY A 357 19.48 17.59 -5.11
C GLY A 357 20.64 16.90 -5.82
N ILE A 358 21.13 15.82 -5.24
CA ILE A 358 22.25 15.12 -5.82
C ILE A 358 21.91 14.55 -7.18
N TYR A 359 20.70 14.00 -7.34
CA TYR A 359 20.33 13.33 -8.61
C TYR A 359 19.70 14.33 -9.55
N ASP A 360 19.45 15.52 -9.00
CA ASP A 360 18.95 16.68 -9.69
C ASP A 360 17.64 16.38 -10.40
N ARG A 361 16.68 15.94 -9.63
CA ARG A 361 15.43 15.51 -10.20
C ARG A 361 14.51 15.11 -9.10
N ASN A 362 13.22 15.02 -9.44
CA ASN A 362 12.27 14.31 -8.58
C ASN A 362 12.61 12.83 -8.45
N MET A 363 12.60 12.34 -7.22
CA MET A 363 13.03 11.01 -6.95
C MET A 363 11.86 10.04 -6.90
N ALA A 364 12.24 8.75 -6.87
CA ALA A 364 11.30 7.65 -6.66
C ALA A 364 11.59 6.95 -5.34
N VAL A 365 10.53 6.71 -4.57
CA VAL A 365 10.63 6.05 -3.28
C VAL A 365 10.28 4.55 -3.35
N TRP A 366 11.16 3.73 -2.80
CA TRP A 366 10.92 2.31 -2.56
C TRP A 366 10.81 2.18 -1.06
N TRP A 367 9.61 2.27 -0.50
CA TRP A 367 9.46 2.25 0.97
C TRP A 367 9.29 0.82 1.48
N ASN A 368 10.25 0.36 2.29
CA ASN A 368 10.20 -0.99 2.86
C ASN A 368 9.34 -1.18 4.13
N TYR A 369 8.05 -0.92 3.96
CA TYR A 369 7.01 -1.23 4.94
C TYR A 369 5.75 -1.34 4.07
N PRO A 370 4.93 -2.38 4.23
CA PRO A 370 4.94 -3.30 5.35
C PRO A 370 5.79 -4.57 5.19
N VAL A 371 6.77 -4.62 4.32
CA VAL A 371 7.55 -5.86 4.16
C VAL A 371 8.11 -6.47 5.50
N THR A 372 7.91 -7.78 5.69
CA THR A 372 8.34 -8.47 6.93
C THR A 372 9.38 -9.54 6.67
N ASP A 373 9.94 -9.58 5.47
CA ASP A 373 10.83 -10.68 5.11
C ASP A 373 12.07 -10.86 6.00
N TYR A 374 12.50 -9.73 6.61
CA TYR A 374 13.65 -9.63 7.55
C TYR A 374 13.24 -9.91 9.01
N PHE A 375 11.98 -10.30 9.25
CA PHE A 375 11.45 -10.43 10.62
C PHE A 375 10.03 -11.04 10.57
N LYS A 376 10.03 -12.26 10.01
CA LYS A 376 8.85 -12.90 9.48
C LYS A 376 7.78 -13.26 10.49
N GLY A 377 8.13 -13.35 11.77
CA GLY A 377 7.16 -13.71 12.78
C GLY A 377 6.17 -12.61 13.10
N LYS A 378 6.55 -11.38 12.78
CA LYS A 378 5.67 -10.24 12.98
C LYS A 378 4.99 -9.84 11.68
N LEU A 379 3.71 -9.51 11.80
CA LEU A 379 2.94 -8.89 10.73
C LEU A 379 3.04 -7.37 10.88
N ALA A 380 3.16 -6.67 9.76
CA ALA A 380 3.13 -5.20 9.77
C ALA A 380 1.75 -4.70 9.28
N LEU A 381 0.94 -4.25 10.24
CA LEU A 381 -0.46 -3.96 10.01
C LEU A 381 -0.82 -2.53 10.28
N GLY A 382 0.21 -1.67 10.21
CA GLY A 382 0.03 -0.27 10.56
C GLY A 382 -0.03 0.55 9.30
N PRO A 383 -0.21 1.87 9.46
CA PRO A 383 -0.35 2.74 8.31
C PRO A 383 1.00 3.26 7.80
N MET A 384 1.00 3.95 6.65
CA MET A 384 2.16 4.71 6.25
C MET A 384 2.42 5.71 7.33
N HIS A 385 3.68 5.80 7.70
CA HIS A 385 4.03 6.50 8.91
C HIS A 385 5.51 6.89 8.93
N GLY A 386 5.73 8.15 9.29
CA GLY A 386 7.06 8.76 9.22
C GLY A 386 7.39 9.31 7.85
N LEU A 387 6.41 9.35 6.95
CA LEU A 387 6.64 9.85 5.61
C LEU A 387 6.17 11.29 5.53
N ASP A 388 7.08 12.23 5.32
CA ASP A 388 6.78 13.65 5.49
C ASP A 388 5.72 14.09 4.53
N LYS A 389 4.73 14.83 5.00
CA LYS A 389 3.60 15.23 4.12
C LYS A 389 3.94 16.30 3.05
N GLY A 390 5.20 16.71 2.96
CA GLY A 390 5.66 17.56 1.86
C GLY A 390 6.55 16.86 0.85
N LEU A 391 6.68 15.54 0.98
CA LEU A 391 7.69 14.78 0.22
C LEU A 391 7.50 14.98 -1.28
N ASN A 392 6.26 15.27 -1.67
CA ASN A 392 5.94 15.42 -3.08
C ASN A 392 6.65 16.58 -3.74
N GLN A 393 7.23 17.47 -2.95
CA GLN A 393 8.12 18.52 -3.47
C GLN A 393 9.35 17.93 -4.13
N TYR A 394 9.80 16.75 -3.69
CA TYR A 394 11.01 16.10 -4.22
C TYR A 394 10.78 14.67 -4.79
N VAL A 395 9.55 14.16 -4.67
CA VAL A 395 9.27 12.80 -5.06
C VAL A 395 8.03 12.80 -5.91
N ASP A 396 8.10 12.25 -7.13
CA ASP A 396 6.84 12.00 -7.86
C ASP A 396 6.54 10.55 -8.29
N PHE A 397 7.15 9.61 -7.58
CA PHE A 397 6.95 8.18 -7.85
C PHE A 397 7.13 7.52 -6.48
N PHE A 398 6.04 6.96 -5.95
CA PHE A 398 6.04 6.38 -4.61
C PHE A 398 5.53 4.94 -4.56
N THR A 399 6.37 3.98 -4.14
CA THR A 399 6.00 2.56 -4.08
C THR A 399 6.33 1.94 -2.76
N VAL A 400 5.48 0.98 -2.36
CA VAL A 400 5.67 0.19 -1.12
C VAL A 400 6.05 -1.24 -1.46
N ASN A 401 6.90 -1.82 -0.65
CA ASN A 401 7.32 -3.24 -0.77
C ASN A 401 6.55 -3.94 0.34
N PRO A 402 5.55 -4.76 -0.03
CA PRO A 402 4.64 -5.29 0.93
C PRO A 402 5.12 -6.65 1.47
N MET A 403 4.25 -7.33 2.22
CA MET A 403 4.54 -8.65 2.79
C MET A 403 4.20 -9.80 1.86
N GLU A 404 4.88 -10.91 2.11
CA GLU A 404 4.52 -12.19 1.49
C GLU A 404 3.07 -12.53 1.74
N HIS A 405 2.56 -12.05 2.88
CA HIS A 405 1.13 -12.07 3.24
C HIS A 405 0.33 -11.01 2.48
N ALA A 406 -0.26 -11.39 1.35
CA ALA A 406 -0.92 -10.43 0.46
C ALA A 406 -2.20 -9.86 1.04
N GLU A 407 -2.96 -10.71 1.72
CA GLU A 407 -4.24 -10.26 2.21
C GLU A 407 -4.06 -9.14 3.22
N LEU A 408 -3.18 -9.39 4.18
CA LEU A 408 -3.02 -8.47 5.27
C LEU A 408 -2.20 -7.27 4.87
N SER A 409 -1.42 -7.38 3.80
CA SER A 409 -0.72 -6.21 3.25
C SER A 409 -1.71 -5.11 2.83
N LYS A 410 -2.96 -5.49 2.55
CA LYS A 410 -3.97 -4.54 2.12
C LYS A 410 -4.21 -3.39 3.06
N ILE A 411 -3.94 -3.57 4.34
CA ILE A 411 -4.20 -2.53 5.35
C ILE A 411 -3.19 -1.39 5.14
N SER A 412 -1.90 -1.69 5.19
CA SER A 412 -0.91 -0.67 4.86
C SER A 412 -1.04 -0.09 3.46
N ILE A 413 -1.30 -0.95 2.49
CA ILE A 413 -1.39 -0.53 1.11
C ILE A 413 -2.52 0.46 0.95
N HIS A 414 -3.65 0.18 1.58
CA HIS A 414 -4.81 1.06 1.54
C HIS A 414 -4.47 2.48 1.99
N THR A 415 -3.63 2.57 3.03
CA THR A 415 -3.15 3.86 3.52
C THR A 415 -2.09 4.50 2.62
N ALA A 416 -1.23 3.70 2.01
CA ALA A 416 -0.32 4.17 0.98
C ALA A 416 -1.08 4.82 -0.14
N ALA A 417 -2.28 4.33 -0.45
CA ALA A 417 -3.11 4.94 -1.47
C ALA A 417 -3.54 6.37 -1.12
N ASP A 418 -4.01 6.58 0.12
CA ASP A 418 -4.37 7.92 0.62
C ASP A 418 -3.12 8.82 0.69
N TYR A 419 -2.06 8.33 1.29
CA TYR A 419 -0.86 9.13 1.38
C TYR A 419 -0.45 9.66 0.01
N SER A 420 -0.39 8.80 -0.99
CA SER A 420 0.21 9.16 -2.26
C SER A 420 -0.76 9.97 -3.13
N TRP A 421 -2.07 9.79 -2.96
CA TRP A 421 -3.09 10.54 -3.72
C TRP A 421 -3.40 11.94 -3.14
N ASN A 422 -3.56 12.00 -1.84
CA ASN A 422 -3.98 13.22 -1.16
C ASN A 422 -3.06 13.44 0.08
N MET A 423 -1.83 13.80 -0.24
CA MET A 423 -0.74 13.92 0.73
C MET A 423 -0.94 15.04 1.75
N ASP A 424 -1.43 16.24 1.36
CA ASP A 424 -1.65 17.38 2.33
C ASP A 424 -2.49 16.90 3.47
N ASN A 425 -3.59 16.21 3.13
CA ASN A 425 -4.60 15.87 4.10
C ASN A 425 -4.37 14.50 4.87
N TYR A 426 -3.27 13.80 4.62
CA TYR A 426 -3.01 12.47 5.22
C TYR A 426 -2.88 12.47 6.73
N ASP A 427 -3.83 11.81 7.41
CA ASP A 427 -3.81 11.62 8.85
C ASP A 427 -3.65 10.12 9.12
N TYR A 428 -2.43 9.67 9.48
CA TYR A 428 -2.10 8.20 9.60
C TYR A 428 -3.08 7.35 10.39
N ASP A 429 -3.55 7.92 11.47
CA ASP A 429 -4.44 7.25 12.33
C ASP A 429 -5.87 7.21 11.78
N LYS A 430 -6.31 8.31 11.19
CA LYS A 430 -7.60 8.30 10.49
C LYS A 430 -7.63 7.33 9.29
N ALA A 431 -6.57 7.40 8.49
CA ALA A 431 -6.30 6.45 7.42
C ALA A 431 -6.30 4.96 7.86
N TRP A 432 -5.57 4.69 8.95
CA TRP A 432 -5.49 3.36 9.55
C TRP A 432 -6.90 2.80 9.95
N ASN A 433 -7.72 3.66 10.54
CA ASN A 433 -9.02 3.25 10.94
C ASN A 433 -9.93 3.00 9.77
N ARG A 434 -9.84 3.89 8.79
CA ARG A 434 -10.64 3.77 7.56
C ARG A 434 -10.29 2.48 6.81
N ALA A 435 -8.99 2.18 6.73
CA ALA A 435 -8.56 0.94 6.10
C ALA A 435 -9.28 -0.25 6.70
N ILE A 436 -9.18 -0.35 8.01
CA ILE A 436 -9.73 -1.51 8.69
C ILE A 436 -11.24 -1.48 8.55
N ASP A 437 -11.84 -0.30 8.62
CA ASP A 437 -13.29 -0.21 8.52
C ASP A 437 -13.74 -0.64 7.15
N MET A 438 -13.06 -0.18 6.14
CA MET A 438 -13.43 -0.46 4.76
C MET A 438 -13.22 -1.93 4.43
N LEU A 439 -12.05 -2.44 4.77
CA LEU A 439 -11.70 -3.84 4.49
C LEU A 439 -12.30 -4.96 5.38
N TYR A 440 -12.72 -4.66 6.60
CA TYR A 440 -13.11 -5.73 7.57
C TYR A 440 -14.58 -5.73 7.99
N GLY A 441 -15.35 -4.72 7.57
CA GLY A 441 -16.81 -4.68 7.75
C GLY A 441 -17.31 -4.89 9.16
N ASP A 442 -18.22 -5.85 9.34
CA ASP A 442 -18.76 -6.24 10.66
C ASP A 442 -17.67 -6.72 11.64
N LEU A 443 -16.46 -7.05 11.17
CA LEU A 443 -15.32 -7.45 12.04
C LEU A 443 -14.26 -6.37 12.31
N ALA A 444 -14.50 -5.14 11.87
CA ALA A 444 -13.49 -4.10 11.94
C ALA A 444 -13.10 -3.73 13.36
N GLU A 445 -14.10 -3.55 14.23
CA GLU A 445 -13.81 -3.16 15.62
C GLU A 445 -12.89 -4.20 16.25
N ASP A 446 -13.16 -5.48 16.03
CA ASP A 446 -12.26 -6.55 16.54
C ASP A 446 -10.87 -6.57 15.93
N MET A 447 -10.79 -6.35 14.63
CA MET A 447 -9.51 -6.37 13.93
C MET A 447 -8.65 -5.20 14.37
N LYS A 448 -9.30 -4.05 14.60
CA LYS A 448 -8.59 -2.89 15.14
C LYS A 448 -7.90 -3.21 16.47
N VAL A 449 -8.55 -3.95 17.36
CA VAL A 449 -7.95 -4.25 18.69
C VAL A 449 -6.67 -5.04 18.51
N PHE A 450 -6.74 -6.01 17.61
CA PHE A 450 -5.66 -6.92 17.31
C PHE A 450 -4.55 -6.25 16.51
N ALA A 451 -4.89 -5.62 15.40
CA ALA A 451 -3.90 -4.96 14.53
C ALA A 451 -3.18 -3.85 15.22
N ASN A 452 -3.86 -3.26 16.22
CA ASN A 452 -3.27 -2.21 17.04
C ASN A 452 -1.95 -2.67 17.67
N HIS A 453 -1.85 -3.94 18.02
CA HIS A 453 -0.61 -4.46 18.63
C HIS A 453 0.44 -4.92 17.64
N SER A 454 0.23 -4.72 16.34
CA SER A 454 1.14 -5.26 15.33
C SER A 454 1.47 -4.24 14.20
N THR A 455 1.86 -3.03 14.59
CA THR A 455 2.22 -1.97 13.65
C THR A 455 3.71 -1.71 13.56
N ARG A 456 4.47 -2.19 14.52
CA ARG A 456 5.80 -1.69 14.72
C ARG A 456 6.80 -2.78 14.39
N MET A 457 7.70 -2.48 13.46
CA MET A 457 8.79 -3.38 13.08
C MET A 457 10.15 -2.99 13.68
N ASP A 458 10.86 -3.97 14.23
CA ASP A 458 12.13 -3.76 14.94
C ASP A 458 12.84 -5.12 15.08
N ASN A 459 13.89 -5.35 14.31
CA ASN A 459 14.66 -6.57 14.43
C ASN A 459 15.82 -6.35 15.43
N LYS A 460 15.92 -5.14 15.96
CA LYS A 460 16.81 -4.77 17.07
C LYS A 460 18.27 -4.56 16.67
N THR A 461 18.70 -5.04 15.51
CA THR A 461 19.83 -4.46 14.73
C THR A 461 19.37 -3.23 13.87
N TRP A 462 19.33 -3.44 12.53
CA TRP A 462 19.38 -2.40 11.46
C TRP A 462 18.04 -1.96 10.92
N ALA A 463 16.98 -2.71 11.24
CA ALA A 463 15.66 -2.55 10.63
C ALA A 463 14.59 -2.16 11.64
N LYS A 464 14.14 -0.91 11.59
CA LYS A 464 13.12 -0.38 12.48
C LYS A 464 12.21 0.57 11.68
N SER A 465 10.90 0.31 11.66
CA SER A 465 9.95 1.27 11.10
C SER A 465 8.53 1.07 11.60
N GLY A 466 7.74 2.17 11.57
CA GLY A 466 6.31 2.10 11.76
C GLY A 466 5.81 2.68 13.05
N ARG A 467 4.51 2.90 13.15
CA ARG A 467 3.85 3.39 14.38
C ARG A 467 4.16 2.46 15.57
N GLU A 468 4.35 3.02 16.76
CA GLU A 468 4.61 2.22 17.96
C GLU A 468 3.37 1.36 18.18
N ASP A 469 3.56 0.15 18.70
CA ASP A 469 2.41 -0.68 19.07
C ASP A 469 1.59 -0.05 20.20
N ALA A 470 0.26 -0.20 20.05
CA ALA A 470 -0.77 0.07 21.06
C ALA A 470 -0.45 1.19 22.06
N PRO A 471 -0.16 2.41 21.55
CA PRO A 471 0.55 3.37 22.40
C PRO A 471 -0.26 3.91 23.62
N GLU A 472 -1.59 3.94 23.52
CA GLU A 472 -2.46 4.33 24.64
C GLU A 472 -2.23 3.39 25.81
N LEU A 473 -2.37 2.10 25.54
CA LEU A 473 -2.11 1.05 26.52
C LEU A 473 -0.69 1.07 27.13
N ARG A 474 0.34 1.30 26.32
CA ARG A 474 1.68 1.48 26.85
C ARG A 474 1.65 2.56 27.93
N ALA A 475 1.01 3.69 27.63
CA ALA A 475 0.88 4.84 28.56
C ALA A 475 0.19 4.46 29.88
N LYS A 476 -0.86 3.66 29.82
CA LYS A 476 -1.53 3.17 31.03
C LYS A 476 -0.66 2.21 31.84
N MET A 477 0.13 1.42 31.15
CA MET A 477 1.07 0.54 31.81
C MET A 477 2.19 1.31 32.53
N ASP A 478 2.69 2.40 31.92
CA ASP A 478 3.74 3.23 32.53
C ASP A 478 3.23 3.98 33.76
N GLU A 479 1.97 4.44 33.62
CA GLU A 479 1.22 5.15 34.66
C GLU A 479 0.96 4.23 35.84
N LEU A 480 0.62 2.96 35.59
CA LEU A 480 0.46 2.00 36.67
C LEU A 480 1.75 1.82 37.41
N TRP A 481 2.88 1.64 36.73
CA TRP A 481 4.16 1.58 37.47
C TRP A 481 4.48 2.86 38.30
N ASN A 482 4.13 4.05 37.82
CA ASN A 482 4.32 5.26 38.64
C ASN A 482 3.41 5.25 39.89
N LYS A 483 2.13 4.97 39.70
CA LYS A 483 1.19 4.91 40.83
C LYS A 483 1.62 3.94 41.92
N LEU A 484 2.04 2.74 41.53
CA LEU A 484 2.55 1.76 42.49
C LEU A 484 3.80 2.22 43.22
N SER A 485 4.80 2.66 42.46
CA SER A 485 6.13 2.94 43.02
C SER A 485 6.23 4.29 43.70
N SER A 486 5.18 5.10 43.72
CA SER A 486 5.11 6.21 44.67
C SER A 486 3.77 6.07 45.41
N LYS A 487 3.61 4.87 45.95
CA LYS A 487 2.40 4.35 46.66
C LYS A 487 1.11 5.18 46.67
N GLU A 488 0.72 5.72 45.50
CA GLU A 488 -0.59 6.36 45.30
C GLU A 488 -1.60 5.26 44.98
N ASP A 489 -2.88 5.56 45.13
CA ASP A 489 -3.94 4.59 44.81
C ASP A 489 -3.89 4.26 43.32
N ALA A 490 -3.94 2.96 43.01
CA ALA A 490 -3.87 2.46 41.63
C ALA A 490 -5.14 1.76 41.14
N SER A 491 -6.10 1.50 42.01
CA SER A 491 -7.09 0.47 41.70
C SER A 491 -8.21 0.83 40.68
N ALA A 492 -8.40 2.09 40.30
CA ALA A 492 -9.31 2.38 39.16
C ALA A 492 -8.65 1.91 37.84
N LEU A 493 -7.33 2.16 37.74
CA LEU A 493 -6.50 1.83 36.58
C LEU A 493 -6.44 0.31 36.38
N ILE A 494 -6.09 -0.41 37.44
CA ILE A 494 -6.05 -1.89 37.46
C ILE A 494 -7.35 -2.50 36.92
N GLU A 495 -8.48 -2.08 37.47
CA GLU A 495 -9.81 -2.42 36.95
C GLU A 495 -9.89 -2.14 35.42
N GLU A 496 -9.52 -0.92 35.02
CA GLU A 496 -9.49 -0.53 33.60
C GLU A 496 -8.61 -1.47 32.73
N LEU A 497 -7.39 -1.80 33.21
CA LEU A 497 -6.49 -2.76 32.53
C LEU A 497 -6.98 -4.23 32.52
N TYR A 498 -7.70 -4.68 33.55
CA TYR A 498 -8.31 -6.02 33.48
C TYR A 498 -9.25 -6.02 32.26
N GLY A 499 -10.00 -4.93 32.11
CA GLY A 499 -10.94 -4.83 31.02
C GLY A 499 -10.27 -4.82 29.65
N GLU A 500 -9.10 -4.14 29.53
CA GLU A 500 -8.37 -4.07 28.25
C GLU A 500 -7.87 -5.46 27.83
N PHE A 501 -7.25 -6.17 28.77
CA PHE A 501 -6.69 -7.47 28.47
C PHE A 501 -7.81 -8.46 28.12
N ALA A 502 -8.95 -8.34 28.77
CA ALA A 502 -10.11 -9.17 28.43
C ALA A 502 -10.60 -8.89 27.02
N ARG A 503 -10.63 -7.61 26.66
CA ARG A 503 -11.02 -7.11 25.35
C ARG A 503 -10.09 -7.70 24.28
N MET A 504 -8.78 -7.69 24.53
CA MET A 504 -7.77 -8.29 23.62
C MET A 504 -8.09 -9.74 23.31
N GLU A 505 -8.29 -10.50 24.36
CA GLU A 505 -8.64 -11.91 24.26
C GLU A 505 -9.99 -12.16 23.52
N GLU A 506 -11.02 -11.42 23.93
CA GLU A 506 -12.36 -11.49 23.31
C GLU A 506 -12.28 -11.31 21.80
N ALA A 507 -11.53 -10.28 21.42
CA ALA A 507 -11.42 -9.85 20.01
C ALA A 507 -10.69 -10.89 19.16
N CYS A 508 -9.49 -11.28 19.61
CA CYS A 508 -8.73 -12.30 18.93
C CYS A 508 -9.48 -13.64 18.80
N ASN A 509 -10.30 -13.97 19.80
CA ASN A 509 -11.16 -15.16 19.72
C ASN A 509 -12.26 -14.99 18.72
N ASN A 510 -12.87 -13.79 18.70
CA ASN A 510 -13.89 -13.52 17.68
C ASN A 510 -13.30 -13.53 16.26
N LEU A 511 -12.07 -13.03 16.10
CA LEU A 511 -11.38 -13.06 14.82
C LEU A 511 -11.10 -14.49 14.40
N LYS A 512 -10.61 -15.33 15.32
CA LYS A 512 -10.36 -16.75 15.00
C LYS A 512 -11.61 -17.50 14.52
N ALA A 513 -12.74 -17.15 15.11
CA ALA A 513 -13.98 -17.81 14.83
C ALA A 513 -14.56 -17.38 13.51
N ASN A 514 -14.34 -16.10 13.14
CA ASN A 514 -15.11 -15.44 12.05
C ASN A 514 -14.34 -14.88 10.86
N LEU A 515 -13.04 -14.70 10.98
CA LEU A 515 -12.26 -14.19 9.87
C LEU A 515 -12.36 -15.19 8.72
N PRO A 516 -12.60 -14.69 7.49
CA PRO A 516 -12.50 -15.60 6.35
C PRO A 516 -11.08 -16.14 6.18
N GLU A 517 -10.97 -17.34 5.63
CA GLU A 517 -9.73 -18.07 5.56
C GLU A 517 -8.64 -17.23 4.94
N VAL A 518 -8.99 -16.46 3.90
CA VAL A 518 -7.97 -15.66 3.17
C VAL A 518 -7.14 -14.72 4.08
N ALA A 519 -7.78 -14.14 5.08
CA ALA A 519 -7.08 -13.41 6.13
C ALA A 519 -6.55 -14.32 7.27
N LEU A 520 -7.45 -15.11 7.84
CA LEU A 520 -7.15 -15.95 8.99
C LEU A 520 -5.87 -16.72 8.83
N GLU A 521 -5.66 -17.31 7.66
CA GLU A 521 -4.48 -18.11 7.41
C GLU A 521 -3.18 -17.42 7.32
N GLU A 522 -3.19 -16.11 7.25
CA GLU A 522 -1.97 -15.29 7.34
C GLU A 522 -1.66 -14.73 8.72
N CYS A 523 -2.64 -14.68 9.62
CA CYS A 523 -2.48 -14.13 10.98
C CYS A 523 -2.85 -15.05 12.17
N SER A 524 -3.20 -16.32 11.95
CA SER A 524 -3.71 -17.17 13.05
C SER A 524 -2.68 -17.47 14.11
N ARG A 525 -1.45 -17.72 13.71
CA ARG A 525 -0.36 -17.85 14.69
C ARG A 525 -0.26 -16.62 15.58
N GLN A 526 -0.41 -15.43 15.02
CA GLN A 526 -0.28 -14.17 15.79
C GLN A 526 -1.50 -13.95 16.69
N LEU A 527 -2.65 -14.36 16.23
CA LEU A 527 -3.85 -14.26 17.04
C LEU A 527 -3.65 -15.05 18.30
N ASP A 528 -3.24 -16.29 18.15
CA ASP A 528 -2.90 -17.13 19.31
C ASP A 528 -1.86 -16.47 20.22
N GLU A 529 -0.79 -15.96 19.63
CA GLU A 529 0.25 -15.28 20.37
C GLU A 529 -0.27 -14.12 21.20
N LEU A 530 -1.19 -13.32 20.66
CA LEU A 530 -1.68 -12.14 21.40
C LEU A 530 -2.67 -12.55 22.47
N ILE A 531 -3.48 -13.57 22.21
CA ILE A 531 -4.26 -14.19 23.27
C ILE A 531 -3.38 -14.66 24.45
N THR A 532 -2.22 -15.22 24.17
CA THR A 532 -1.38 -15.74 25.23
C THR A 532 -0.89 -14.60 26.06
N LEU A 533 -0.29 -13.62 25.39
CA LEU A 533 0.26 -12.47 26.10
C LEU A 533 -0.82 -11.75 26.88
N ALA A 534 -2.06 -11.80 26.40
CA ALA A 534 -3.16 -11.14 27.07
C ALA A 534 -3.47 -11.84 28.40
N GLN A 535 -3.43 -13.17 28.38
CA GLN A 535 -3.64 -13.96 29.58
C GLN A 535 -2.51 -13.74 30.57
N GLY A 536 -1.27 -13.73 30.10
CA GLY A 536 -0.15 -13.35 30.94
C GLY A 536 -0.26 -11.92 31.47
N ASP A 537 -0.78 -11.00 30.67
CA ASP A 537 -1.01 -9.65 31.16
C ASP A 537 -2.01 -9.74 32.32
N LYS A 538 -3.09 -10.50 32.14
CA LYS A 538 -4.11 -10.66 33.18
C LYS A 538 -3.51 -11.25 34.48
N ALA A 539 -2.68 -12.28 34.34
CA ALA A 539 -1.91 -12.87 35.44
C ALA A 539 -0.96 -11.88 36.06
N SER A 540 -0.44 -10.93 35.28
CA SER A 540 0.53 -9.99 35.81
C SER A 540 -0.18 -9.00 36.72
N LEU A 541 -1.38 -8.56 36.38
CA LEU A 541 -2.18 -7.78 37.35
C LEU A 541 -2.60 -8.63 38.53
N ASP A 542 -2.91 -9.91 38.33
CA ASP A 542 -3.22 -10.80 39.47
C ASP A 542 -2.08 -10.83 40.50
N MET A 543 -0.82 -10.87 40.01
CA MET A 543 0.40 -10.74 40.85
C MET A 543 0.40 -9.44 41.66
N ILE A 544 0.13 -8.32 40.99
CA ILE A 544 0.11 -6.99 41.62
C ILE A 544 -0.96 -6.88 42.71
N VAL A 545 -2.20 -7.28 42.42
CA VAL A 545 -3.24 -7.36 43.45
C VAL A 545 -2.84 -8.24 44.63
N ALA A 546 -2.26 -9.40 44.36
CA ALA A 546 -1.90 -10.33 45.43
C ALA A 546 -0.88 -9.69 46.36
N GLN A 547 0.16 -9.09 45.79
CA GLN A 547 1.24 -8.48 46.57
C GLN A 547 0.79 -7.23 47.39
N LEU A 548 -0.09 -6.43 46.82
CA LEU A 548 -0.75 -5.34 47.54
C LEU A 548 -1.75 -5.84 48.59
N ASN A 549 -2.07 -7.13 48.62
CA ASN A 549 -2.92 -7.72 49.67
C ASN A 549 -2.12 -8.73 50.49
N GLU A 550 -0.81 -8.54 50.51
CA GLU A 550 0.17 -9.51 51.06
C GLU A 550 -0.30 -11.00 51.16
N ASP A 551 -0.43 -11.65 49.99
CA ASP A 551 -1.01 -12.99 49.83
C ASP A 551 -0.03 -13.83 48.98
N THR A 552 0.98 -14.46 49.59
CA THR A 552 1.93 -15.31 48.81
C THR A 552 1.24 -16.44 48.00
N GLU A 553 0.12 -16.97 48.48
CA GLU A 553 -0.56 -18.10 47.80
C GLU A 553 -1.01 -17.68 46.39
N ALA A 554 -1.75 -16.57 46.33
CA ALA A 554 -2.31 -16.01 45.11
C ALA A 554 -1.23 -15.49 44.15
N TYR A 555 -0.19 -14.92 44.74
CA TYR A 555 0.93 -14.38 44.01
C TYR A 555 1.77 -15.48 43.37
N GLU A 556 2.18 -16.51 44.11
CA GLU A 556 3.09 -17.54 43.56
C GLU A 556 2.33 -18.34 42.52
N SER A 557 1.03 -18.48 42.72
CA SER A 557 0.12 -19.09 41.73
C SER A 557 -0.01 -18.29 40.40
N ALA A 558 -0.18 -16.98 40.54
CA ALA A 558 -0.30 -16.06 39.40
C ALA A 558 1.04 -15.92 38.69
N LYS A 559 2.10 -15.76 39.47
CA LYS A 559 3.45 -15.69 38.93
C LYS A 559 3.78 -16.87 38.04
N GLU A 560 3.37 -18.09 38.44
CA GLU A 560 3.59 -19.31 37.62
C GLU A 560 2.84 -19.21 36.29
N ILE A 561 1.58 -18.78 36.36
CA ILE A 561 0.75 -18.63 35.17
C ILE A 561 1.36 -17.58 34.21
N ALA A 562 1.91 -16.50 34.74
CA ALA A 562 2.55 -15.48 33.92
C ALA A 562 3.85 -15.94 33.28
N GLN A 563 4.69 -16.68 34.01
CA GLN A 563 5.90 -17.26 33.39
C GLN A 563 5.50 -18.19 32.26
N ASN A 564 4.39 -18.90 32.46
CA ASN A 564 3.91 -19.88 31.51
C ASN A 564 3.52 -19.22 30.17
N LYS A 565 2.72 -18.17 30.20
CA LYS A 565 2.38 -17.46 28.98
C LYS A 565 3.62 -16.78 28.34
N LEU A 566 4.44 -16.11 29.12
CA LEU A 566 5.67 -15.56 28.57
C LEU A 566 6.57 -16.61 27.85
N ASN A 567 6.73 -17.81 28.41
CA ASN A 567 7.63 -18.81 27.78
C ASN A 567 7.04 -19.33 26.52
N THR A 568 5.72 -19.53 26.49
CA THR A 568 5.07 -19.88 25.24
C THR A 568 5.38 -18.81 24.18
N ALA A 569 5.15 -17.55 24.50
CA ALA A 569 5.33 -16.48 23.53
C ALA A 569 6.80 -16.31 23.10
N LEU A 570 7.68 -16.42 24.07
CA LEU A 570 9.09 -16.27 23.81
C LEU A 570 9.67 -17.32 22.88
N SER A 571 9.06 -18.49 22.78
CA SER A 571 9.62 -19.52 21.90
C SER A 571 8.70 -19.96 20.74
N SER A 572 7.48 -19.42 20.69
CA SER A 572 6.61 -19.42 19.50
C SER A 572 7.29 -18.62 18.38
N PHE A 573 7.06 -19.05 17.13
CA PHE A 573 7.52 -18.34 15.89
C PHE A 573 6.92 -16.91 15.78
N ALA A 574 5.61 -16.85 16.01
CA ALA A 574 4.88 -15.61 16.05
C ALA A 574 5.49 -14.63 16.99
N VAL A 575 5.34 -13.36 16.59
CA VAL A 575 5.80 -12.21 17.36
C VAL A 575 4.78 -11.07 17.24
N ILE A 576 4.48 -10.44 18.37
CA ILE A 576 3.51 -9.35 18.42
C ILE A 576 3.60 -8.58 19.74
N SER A 577 3.35 -7.27 19.70
CA SER A 577 3.26 -6.43 20.89
C SER A 577 4.48 -6.55 21.80
N GLU A 578 5.69 -6.67 21.21
CA GLU A 578 6.93 -6.89 21.99
C GLU A 578 7.10 -5.92 23.17
N LYS A 579 6.81 -4.65 22.95
CA LYS A 579 7.02 -3.59 23.93
C LYS A 579 5.80 -3.23 24.75
N VAL A 580 4.74 -4.00 24.61
CA VAL A 580 3.51 -3.63 25.28
C VAL A 580 2.97 -4.88 25.97
N ALA A 581 2.22 -5.71 25.26
CA ALA A 581 1.65 -6.87 25.94
C ALA A 581 2.73 -7.84 26.44
N GLN A 582 3.77 -8.05 25.65
CA GLN A 582 4.89 -8.94 26.05
C GLN A 582 5.83 -8.34 27.11
N SER A 583 6.16 -7.06 26.95
CA SER A 583 7.03 -6.38 27.91
C SER A 583 6.33 -6.18 29.27
N PHE A 584 5.05 -5.84 29.29
CA PHE A 584 4.30 -5.80 30.56
C PHE A 584 4.55 -7.01 31.44
N ILE A 585 4.58 -8.20 30.85
CA ILE A 585 4.75 -9.41 31.64
C ILE A 585 6.18 -9.48 32.15
N GLN A 586 7.15 -9.28 31.25
CA GLN A 586 8.57 -9.18 31.64
C GLN A 586 8.84 -8.18 32.77
N GLU A 587 8.18 -7.03 32.70
CA GLU A 587 8.25 -5.96 33.71
C GLU A 587 7.77 -6.42 35.12
N ALA A 588 6.51 -6.86 35.19
CA ALA A 588 5.91 -7.52 36.37
C ALA A 588 6.73 -8.68 37.04
N LEU A 589 7.55 -9.36 36.28
CA LEU A 589 8.34 -10.45 36.78
C LEU A 589 9.74 -10.02 37.17
N SER A 590 9.90 -8.78 37.58
CA SER A 590 11.23 -8.28 37.88
C SER A 590 11.17 -7.26 38.98
CD CD B . -4.80 17.89 -1.01
CD CD C . -33.97 17.67 3.10
CD CD D . -25.90 5.03 -24.35
CD CD E . -13.11 9.01 -25.05
CD CD F . -20.48 20.34 -31.17
CD CD G . -16.58 19.58 -19.84
CD CD H . -31.97 20.52 -8.05
CD CD I . -2.13 4.93 -16.15
CD CD J . -31.87 16.40 -3.93
CD CD K . 25.71 -15.32 -24.15
CD CD L . 8.60 -7.08 -31.82
CD CD M . 9.16 11.37 -12.81
CD CD N . 18.50 21.41 -12.70
CD CD O . 5.92 7.03 15.80
CD CD P . -15.66 -8.23 20.03
CD CD Q . -7.53 5.21 17.09
CD CD R . -18.70 19.43 -24.14
CD CD S . 14.24 -6.20 2.74
CD CD T . -16.80 16.74 -22.61
CD CD U . 21.79 -5.28 6.05
CD CD V . 3.66 -11.50 48.50
CD CD W . -2.36 -15.45 1.37
FAI B2W X . 20.44 -11.79 2.73
CAH B2W X . 19.14 -12.10 2.08
FAJ B2W X . 19.15 -11.42 0.97
FAK B2W X . 18.96 -13.58 1.71
CAF B2W X . 18.04 -11.62 2.92
NAE B2W X . 18.15 -10.31 3.35
CAD B2W X . 17.25 -9.43 4.12
CAC B2W X . 16.59 -10.28 5.19
NAB B2W X . 15.49 -11.13 4.57
CAA B2W X . 15.82 -12.30 3.99
CAG B2W X . 16.97 -12.53 3.23
#